data_7NSD
#
_entry.id   7NSD
#
_cell.length_a   60.670
_cell.length_b   60.670
_cell.length_c   139.350
_cell.angle_alpha   90.000
_cell.angle_beta   90.000
_cell.angle_gamma   90.000
#
_symmetry.space_group_name_H-M   'P 41 21 2'
#
loop_
_entity.id
_entity.type
_entity.pdbx_description
1 polymer 'Triphosphate tunnel metalloenzyme Saci_0718'
2 non-polymer 'ACETATE ION'
3 non-polymer 'CALCIUM ION'
4 non-polymer "ADENOSINE-5'-TRIPHOSPHATE"
5 water water
#
_entity_poly.entity_id   1
_entity_poly.type   'polypeptide(L)'
_entity_poly.pdbx_seq_one_letter_code
;MGSYIEREIKLRVISPSLEEIEERIRNNYTFINEEHQIDIYYNNPIRDFRKSDEALRLRNTNGKVILTYKGPKQSKETKT
REEIEVEVSDLHKMDLILRKLGFIRSFQVEKIRKNYKYADFIISLDSIKELGEFIEIEGINKTEKELISFVDEFVKKHQI
QYEKTIKSYLELLVEHAKKTNNSNTHGSIEGRHHHHHH
;
_entity_poly.pdbx_strand_id   A
#
# COMPACT_ATOMS: atom_id res chain seq x y z
N SER A 3 -11.68 -0.33 -14.38
CA SER A 3 -10.30 -0.78 -14.19
C SER A 3 -9.36 0.41 -14.08
N TYR A 4 -8.54 0.41 -13.03
CA TYR A 4 -7.49 1.39 -12.81
C TYR A 4 -6.19 0.64 -12.58
N ILE A 5 -5.10 1.22 -13.06
CA ILE A 5 -3.78 0.59 -13.00
C ILE A 5 -2.98 1.25 -11.89
N GLU A 6 -2.75 0.52 -10.81
CA GLU A 6 -1.94 1.02 -9.70
C GLU A 6 -0.47 0.82 -10.03
N ARG A 7 0.29 1.91 -10.06
CA ARG A 7 1.74 1.86 -10.27
C ARG A 7 2.39 2.60 -9.11
N GLU A 8 3.11 1.87 -8.26
CA GLU A 8 3.73 2.46 -7.08
C GLU A 8 5.12 1.87 -6.89
N ILE A 9 5.93 2.59 -6.12
CA ILE A 9 7.22 2.11 -5.64
C ILE A 9 7.19 2.13 -4.13
N LYS A 10 7.68 1.07 -3.50
CA LYS A 10 7.70 0.94 -2.05
C LYS A 10 9.15 0.91 -1.57
N LEU A 11 9.46 1.74 -0.58
CA LEU A 11 10.80 1.82 -0.01
C LEU A 11 10.73 1.47 1.48
N ARG A 12 11.65 0.62 1.92
CA ARG A 12 11.87 0.42 3.35
C ARG A 12 12.84 1.48 3.83
N VAL A 13 12.45 2.22 4.86
CA VAL A 13 13.25 3.34 5.32
C VAL A 13 14.32 2.82 6.27
N ILE A 14 15.59 3.07 5.93
CA ILE A 14 16.70 2.75 6.81
C ILE A 14 17.01 3.93 7.73
N SER A 15 17.11 5.13 7.17
CA SER A 15 17.34 6.34 7.95
C SER A 15 16.91 7.53 7.11
N PRO A 16 16.39 8.61 7.73
CA PRO A 16 16.07 8.73 9.15
C PRO A 16 14.67 8.22 9.46
N SER A 17 14.15 8.52 10.65
CA SER A 17 12.78 8.14 10.98
C SER A 17 11.79 8.91 10.12
N LEU A 18 10.56 8.42 10.08
CA LEU A 18 9.52 9.12 9.33
C LEU A 18 9.26 10.51 9.89
N GLU A 19 9.34 10.64 11.22
CA GLU A 19 9.13 11.95 11.83
C GLU A 19 10.14 12.97 11.31
N GLU A 20 11.39 12.55 11.13
CA GLU A 20 12.40 13.44 10.59
C GLU A 20 12.15 13.70 9.10
N ILE A 21 11.80 12.67 8.35
CA ILE A 21 11.44 12.86 6.94
C ILE A 21 10.27 13.82 6.82
N GLU A 22 9.30 13.69 7.73
CA GLU A 22 8.14 14.57 7.70
C GLU A 22 8.56 16.03 7.81
N GLU A 23 9.57 16.33 8.61
CA GLU A 23 10.04 17.70 8.75
C GLU A 23 10.75 18.19 7.49
N ARG A 24 11.45 17.30 6.79
CA ARG A 24 12.20 17.71 5.60
C ARG A 24 11.27 17.96 4.42
N ILE A 25 10.21 17.18 4.30
CA ILE A 25 9.27 17.36 3.20
C ILE A 25 8.20 18.39 3.50
N ARG A 26 7.97 18.72 4.77
CA ARG A 26 6.90 19.66 5.19
C ARG A 26 7.00 20.97 4.43
N ASN A 27 8.22 21.42 4.18
CA ASN A 27 8.51 22.73 3.54
C ASN A 27 7.82 22.84 2.18
N ASN A 28 7.88 21.84 1.30
CA ASN A 28 7.29 21.98 -0.06
C ASN A 28 6.43 20.80 -0.43
N TYR A 29 5.90 20.07 0.54
CA TYR A 29 4.93 19.01 0.26
C TYR A 29 3.66 19.29 1.04
N THR A 30 2.52 19.29 0.34
CA THR A 30 1.24 19.64 0.94
C THR A 30 0.61 18.40 1.56
N PHE A 31 0.46 18.41 2.88
CA PHE A 31 -0.17 17.31 3.59
C PHE A 31 -1.64 17.18 3.20
N ILE A 32 -2.07 15.95 2.98
CA ILE A 32 -3.46 15.67 2.63
C ILE A 32 -4.21 15.22 3.87
N ASN A 33 -3.95 14.00 4.33
CA ASN A 33 -4.65 13.46 5.48
C ASN A 33 -3.83 12.31 6.07
N GLU A 34 -4.28 11.83 7.23
CA GLU A 34 -3.70 10.68 7.90
C GLU A 34 -4.75 9.58 7.99
N GLU A 35 -4.35 8.36 7.62
CA GLU A 35 -5.26 7.23 7.57
C GLU A 35 -4.81 6.15 8.55
N HIS A 36 -5.76 5.65 9.35
CA HIS A 36 -5.56 4.46 10.16
C HIS A 36 -6.26 3.31 9.45
N GLN A 37 -5.48 2.42 8.84
CA GLN A 37 -6.01 1.41 7.94
C GLN A 37 -5.89 0.03 8.59
N ILE A 38 -7.02 -0.66 8.72
CA ILE A 38 -7.07 -2.05 9.16
C ILE A 38 -7.55 -2.87 7.96
N ASP A 39 -6.74 -3.85 7.55
CA ASP A 39 -7.00 -4.61 6.34
C ASP A 39 -7.24 -6.07 6.67
N ILE A 40 -8.26 -6.66 6.06
CA ILE A 40 -8.52 -8.09 6.12
C ILE A 40 -8.37 -8.64 4.70
N TYR A 41 -7.46 -9.59 4.54
CA TYR A 41 -7.23 -10.25 3.25
C TYR A 41 -7.93 -11.60 3.24
N TYR A 42 -8.47 -11.97 2.08
CA TYR A 42 -9.20 -13.21 1.91
C TYR A 42 -8.50 -14.07 0.86
N ASN A 43 -8.87 -15.35 0.83
CA ASN A 43 -8.35 -16.29 -0.14
C ASN A 43 -9.50 -17.13 -0.68
N ASN A 44 -9.39 -17.48 -1.96
CA ASN A 44 -10.32 -18.43 -2.58
C ASN A 44 -9.74 -19.83 -2.44
N PRO A 45 -10.39 -20.74 -1.69
CA PRO A 45 -9.75 -22.04 -1.41
C PRO A 45 -9.37 -22.82 -2.66
N ILE A 46 -9.99 -22.55 -3.80
CA ILE A 46 -9.66 -23.25 -5.04
C ILE A 46 -8.70 -22.44 -5.92
N ARG A 47 -8.54 -21.13 -5.67
CA ARG A 47 -7.71 -20.26 -6.47
C ARG A 47 -6.85 -19.41 -5.53
N ASP A 48 -5.85 -20.06 -4.93
CA ASP A 48 -4.94 -19.37 -4.01
C ASP A 48 -4.37 -18.13 -4.67
N PHE A 49 -4.71 -16.96 -4.11
CA PHE A 49 -4.28 -15.71 -4.71
C PHE A 49 -2.76 -15.55 -4.65
N ARG A 50 -2.10 -16.21 -3.70
CA ARG A 50 -0.64 -16.15 -3.65
C ARG A 50 -0.03 -16.81 -4.87
N LYS A 51 -0.71 -17.78 -5.47
CA LYS A 51 -0.24 -18.46 -6.66
C LYS A 51 -0.62 -17.72 -7.94
N SER A 52 -1.82 -17.12 -7.97
CA SER A 52 -2.25 -16.32 -9.09
C SER A 52 -1.79 -14.87 -8.99
N ASP A 53 -1.24 -14.46 -7.86
CA ASP A 53 -0.75 -13.10 -7.65
C ASP A 53 -1.91 -12.10 -7.63
N GLU A 54 -3.02 -12.48 -7.00
CA GLU A 54 -4.19 -11.64 -6.86
C GLU A 54 -4.37 -11.26 -5.39
N ALA A 55 -5.48 -10.60 -5.09
CA ALA A 55 -5.79 -10.24 -3.71
C ALA A 55 -7.23 -9.75 -3.62
N LEU A 56 -7.89 -10.08 -2.52
CA LEU A 56 -9.21 -9.54 -2.18
C LEU A 56 -9.12 -9.00 -0.76
N ARG A 57 -9.42 -7.72 -0.58
CA ARG A 57 -9.13 -7.01 0.65
C ARG A 57 -10.31 -6.20 1.10
N LEU A 58 -10.64 -6.29 2.39
CA LEU A 58 -11.68 -5.49 3.03
C LEU A 58 -10.96 -4.53 3.98
N ARG A 59 -11.02 -3.24 3.67
CA ARG A 59 -10.22 -2.23 4.35
C ARG A 59 -11.11 -1.29 5.15
N ASN A 60 -10.67 -0.98 6.37
CA ASN A 60 -11.28 0.04 7.22
C ASN A 60 -10.26 1.16 7.36
N THR A 61 -10.48 2.26 6.66
CA THR A 61 -9.60 3.43 6.72
C THR A 61 -10.39 4.60 7.29
N ASN A 62 -10.12 4.94 8.54
CA ASN A 62 -10.82 6.02 9.24
C ASN A 62 -12.32 5.83 9.19
N GLY A 63 -12.76 4.58 9.35
CA GLY A 63 -14.18 4.27 9.38
C GLY A 63 -14.82 4.07 8.03
N LYS A 64 -14.15 4.42 6.95
CA LYS A 64 -14.65 4.18 5.60
C LYS A 64 -14.28 2.77 5.18
N VAL A 65 -15.26 2.00 4.72
CA VAL A 65 -15.09 0.59 4.39
C VAL A 65 -14.98 0.43 2.88
N ILE A 66 -13.92 -0.24 2.42
CA ILE A 66 -13.62 -0.36 1.00
C ILE A 66 -13.29 -1.81 0.70
N LEU A 67 -13.92 -2.35 -0.34
CA LEU A 67 -13.62 -3.69 -0.85
C LEU A 67 -12.77 -3.54 -2.11
N THR A 68 -11.66 -4.27 -2.16
CA THR A 68 -10.66 -4.08 -3.20
C THR A 68 -10.21 -5.42 -3.77
N TYR A 69 -10.28 -5.56 -5.09
CA TYR A 69 -9.62 -6.62 -5.81
C TYR A 69 -8.37 -6.06 -6.48
N LYS A 70 -7.28 -6.82 -6.43
CA LYS A 70 -6.04 -6.44 -7.09
C LYS A 70 -5.59 -7.59 -7.98
N GLY A 71 -5.21 -7.26 -9.22
CA GLY A 71 -4.83 -8.26 -10.19
C GLY A 71 -3.37 -8.66 -10.07
N PRO A 72 -2.85 -9.32 -11.11
CA PRO A 72 -1.45 -9.75 -11.07
C PRO A 72 -0.48 -8.61 -11.35
N LYS A 73 0.69 -8.71 -10.73
CA LYS A 73 1.75 -7.75 -10.98
C LYS A 73 2.21 -7.84 -12.44
N GLN A 74 2.20 -6.70 -13.12
CA GLN A 74 2.62 -6.62 -14.52
C GLN A 74 3.97 -5.94 -14.67
N SER A 75 4.74 -5.82 -13.59
CA SER A 75 6.02 -5.14 -13.64
C SER A 75 6.95 -5.75 -12.60
N LYS A 76 8.25 -5.60 -12.84
CA LYS A 76 9.29 -6.11 -11.96
C LYS A 76 10.05 -5.02 -11.23
N GLU A 77 9.98 -3.78 -11.69
CA GLU A 77 10.62 -2.65 -11.03
C GLU A 77 9.64 -1.78 -10.27
N THR A 78 8.33 -1.95 -10.49
CA THR A 78 7.30 -1.27 -9.72
C THR A 78 6.17 -2.24 -9.45
N LYS A 79 5.37 -1.95 -8.44
CA LYS A 79 4.18 -2.75 -8.12
C LYS A 79 3.12 -2.22 -9.07
N THR A 80 3.14 -2.67 -10.32
CA THR A 80 2.14 -2.36 -11.34
C THR A 80 1.07 -3.45 -11.21
N ARG A 81 -0.18 -3.11 -10.92
CA ARG A 81 -1.28 -4.07 -10.72
C ARG A 81 -2.61 -3.48 -11.16
N GLU A 82 -3.55 -4.34 -11.50
CA GLU A 82 -4.92 -3.91 -11.77
C GLU A 82 -5.54 -3.71 -10.38
N GLU A 83 -6.33 -2.70 -10.20
CA GLU A 83 -6.99 -2.41 -8.93
C GLU A 83 -8.42 -1.97 -9.19
N ILE A 84 -9.37 -2.55 -8.46
CA ILE A 84 -10.79 -2.23 -8.58
C ILE A 84 -11.35 -2.14 -7.18
N GLU A 85 -11.93 -0.99 -6.83
CA GLU A 85 -12.39 -0.73 -5.47
C GLU A 85 -13.84 -0.24 -5.49
N VAL A 86 -14.57 -0.60 -4.43
CA VAL A 86 -15.91 -0.07 -4.18
C VAL A 86 -16.03 0.16 -2.68
N GLU A 87 -16.73 1.23 -2.30
CA GLU A 87 -17.06 1.46 -0.90
C GLU A 87 -18.34 0.70 -0.55
N VAL A 88 -18.37 0.04 0.61
CA VAL A 88 -19.54 -0.73 1.09
C VAL A 88 -20.02 -0.10 2.39
N SER A 89 -21.28 -0.27 2.69
CA SER A 89 -22.00 0.30 3.83
C SER A 89 -21.59 -0.30 5.18
N ASP A 90 -21.32 -1.58 5.24
CA ASP A 90 -21.08 -2.23 6.54
C ASP A 90 -19.94 -3.24 6.42
N LEU A 91 -18.87 -3.12 7.19
CA LEU A 91 -17.74 -4.04 7.10
C LEU A 91 -18.13 -5.43 7.61
N HIS A 92 -18.81 -5.49 8.75
CA HIS A 92 -19.19 -6.80 9.31
C HIS A 92 -20.01 -7.60 8.31
N LYS A 93 -21.01 -6.97 7.69
CA LYS A 93 -21.89 -7.70 6.78
C LYS A 93 -21.20 -8.03 5.47
N MET A 94 -20.27 -7.18 5.01
CA MET A 94 -19.48 -7.54 3.85
C MET A 94 -18.58 -8.73 4.15
N ASP A 95 -17.98 -8.75 5.35
CA ASP A 95 -17.21 -9.91 5.77
C ASP A 95 -18.09 -11.15 5.86
N LEU A 96 -19.28 -11.01 6.44
CA LEU A 96 -20.18 -12.14 6.53
C LEU A 96 -20.52 -12.68 5.15
N ILE A 97 -20.89 -11.80 4.22
CA ILE A 97 -21.22 -12.24 2.86
C ILE A 97 -20.06 -13.02 2.26
N LEU A 98 -18.84 -12.48 2.40
CA LEU A 98 -17.67 -13.17 1.86
C LEU A 98 -17.49 -14.53 2.54
N ARG A 99 -17.60 -14.56 3.88
CA ARG A 99 -17.48 -15.83 4.58
C ARG A 99 -18.59 -16.79 4.17
N LYS A 100 -19.80 -16.26 3.96
CA LYS A 100 -20.91 -17.11 3.54
C LYS A 100 -20.70 -17.61 2.11
N LEU A 101 -20.00 -16.85 1.28
CA LEU A 101 -19.74 -17.27 -0.09
C LEU A 101 -18.60 -18.27 -0.20
N GLY A 102 -17.84 -18.47 0.87
CA GLY A 102 -16.79 -19.49 0.89
C GLY A 102 -15.39 -18.95 1.04
N PHE A 103 -15.18 -17.63 1.02
CA PHE A 103 -13.86 -17.08 1.26
C PHE A 103 -13.48 -17.23 2.73
N ILE A 104 -12.18 -17.33 2.97
CA ILE A 104 -11.64 -17.45 4.32
C ILE A 104 -10.69 -16.29 4.57
N ARG A 105 -10.74 -15.74 5.78
CA ARG A 105 -9.87 -14.63 6.16
C ARG A 105 -8.44 -15.16 6.29
N SER A 106 -7.54 -14.63 5.46
CA SER A 106 -6.16 -15.10 5.47
C SER A 106 -5.35 -14.45 6.58
N PHE A 107 -5.19 -13.13 6.52
CA PHE A 107 -4.41 -12.41 7.51
C PHE A 107 -4.88 -10.97 7.59
N GLN A 108 -4.43 -10.27 8.63
CA GLN A 108 -4.80 -8.89 8.89
C GLN A 108 -3.54 -8.02 8.88
N VAL A 109 -3.68 -6.81 8.34
CA VAL A 109 -2.60 -5.85 8.27
C VAL A 109 -3.11 -4.51 8.78
N GLU A 110 -2.29 -3.84 9.59
CA GLU A 110 -2.65 -2.57 10.20
C GLU A 110 -1.52 -1.58 10.02
N LYS A 111 -1.86 -0.32 9.75
CA LYS A 111 -0.84 0.69 9.54
C LYS A 111 -1.42 2.08 9.84
N ILE A 112 -0.51 3.03 10.01
CA ILE A 112 -0.82 4.45 10.01
C ILE A 112 -0.13 5.07 8.81
N ARG A 113 -0.90 5.70 7.93
CA ARG A 113 -0.39 6.23 6.68
C ARG A 113 -0.64 7.73 6.61
N LYS A 114 0.42 8.49 6.37
CA LYS A 114 0.34 9.93 6.15
C LYS A 114 0.54 10.21 4.67
N ASN A 115 -0.44 10.85 4.04
CA ASN A 115 -0.45 11.09 2.61
C ASN A 115 -0.07 12.53 2.31
N TYR A 116 0.90 12.70 1.42
CA TYR A 116 1.32 14.00 0.92
C TYR A 116 1.20 14.01 -0.60
N LYS A 117 1.02 15.20 -1.17
CA LYS A 117 0.89 15.36 -2.61
C LYS A 117 1.96 16.30 -3.14
N TYR A 118 2.35 16.13 -4.41
CA TYR A 118 3.36 16.93 -5.12
C TYR A 118 3.26 16.66 -6.63
N ALA A 119 2.61 17.53 -7.39
CA ALA A 119 2.58 17.49 -8.88
C ALA A 119 2.26 16.12 -9.45
N ASP A 120 1.09 15.57 -9.15
CA ASP A 120 0.55 14.27 -9.62
C ASP A 120 1.26 13.10 -8.96
N PHE A 121 1.92 13.32 -7.83
CA PHE A 121 2.55 12.23 -7.09
C PHE A 121 1.98 12.18 -5.68
N ILE A 122 1.66 10.98 -5.23
CA ILE A 122 1.10 10.75 -3.89
C ILE A 122 2.18 10.05 -3.07
N ILE A 123 2.72 10.75 -2.09
CA ILE A 123 3.75 10.22 -1.20
C ILE A 123 3.08 9.78 0.09
N SER A 124 3.24 8.51 0.46
CA SER A 124 2.62 7.93 1.64
C SER A 124 3.69 7.48 2.61
N LEU A 125 3.69 8.04 3.82
CA LEU A 125 4.59 7.63 4.88
C LEU A 125 3.87 6.56 5.71
N ASP A 126 4.36 5.33 5.64
CA ASP A 126 3.70 4.18 6.26
C ASP A 126 4.46 3.74 7.49
N SER A 127 3.74 3.57 8.60
CA SER A 127 4.26 2.94 9.81
C SER A 127 3.43 1.68 10.04
N ILE A 128 4.07 0.53 9.92
CA ILE A 128 3.38 -0.76 9.96
C ILE A 128 3.57 -1.38 11.34
N LYS A 129 2.50 -1.95 11.87
CA LYS A 129 2.56 -2.63 13.16
C LYS A 129 3.42 -3.89 13.04
N GLU A 130 4.52 -3.93 13.79
CA GLU A 130 5.41 -5.09 13.87
C GLU A 130 6.22 -5.28 12.60
N LEU A 131 6.41 -4.22 11.81
CA LEU A 131 7.26 -4.31 10.63
C LEU A 131 8.26 -3.16 10.60
N GLY A 132 7.76 -1.94 10.60
CA GLY A 132 8.62 -0.77 10.58
C GLY A 132 8.08 0.37 9.74
N GLU A 133 8.97 1.22 9.24
CA GLU A 133 8.60 2.43 8.53
C GLU A 133 8.90 2.27 7.04
N PHE A 134 7.94 2.64 6.21
CA PHE A 134 8.07 2.53 4.75
C PHE A 134 7.56 3.81 4.12
N ILE A 135 7.91 4.00 2.86
CA ILE A 135 7.38 5.08 2.03
C ILE A 135 6.89 4.47 0.72
N GLU A 136 5.72 4.88 0.28
CA GLU A 136 5.17 4.49 -1.01
C GLU A 136 4.90 5.74 -1.84
N ILE A 137 5.34 5.71 -3.09
CA ILE A 137 5.10 6.80 -4.04
C ILE A 137 4.25 6.23 -5.17
N GLU A 138 3.10 6.84 -5.41
CA GLU A 138 2.17 6.41 -6.45
C GLU A 138 1.92 7.55 -7.41
N GLY A 139 1.91 7.25 -8.70
CA GLY A 139 1.77 8.25 -9.74
C GLY A 139 0.39 8.16 -10.40
N ILE A 140 -0.18 9.31 -10.70
CA ILE A 140 -1.43 9.40 -11.45
C ILE A 140 -1.07 9.62 -12.91
N ASN A 141 -1.44 8.67 -13.75
CA ASN A 141 -1.14 8.69 -15.19
C ASN A 141 0.31 9.13 -15.42
N LYS A 142 1.22 8.37 -14.82
CA LYS A 142 2.65 8.56 -14.97
C LYS A 142 3.27 7.25 -15.43
N THR A 143 4.28 7.35 -16.28
CA THR A 143 4.94 6.16 -16.80
C THR A 143 5.83 5.54 -15.73
N GLU A 144 6.28 4.31 -16.00
CA GLU A 144 7.17 3.63 -15.07
C GLU A 144 8.50 4.37 -14.94
N LYS A 145 8.97 4.99 -16.02
CA LYS A 145 10.20 5.77 -15.96
C LYS A 145 9.99 7.06 -15.18
N GLU A 146 8.86 7.74 -15.39
CA GLU A 146 8.57 8.96 -14.65
C GLU A 146 8.54 8.68 -13.15
N LEU A 147 7.87 7.60 -12.74
CA LEU A 147 7.80 7.27 -11.32
C LEU A 147 9.18 6.94 -10.78
N ILE A 148 9.89 6.00 -11.43
CA ILE A 148 11.22 5.62 -10.98
C ILE A 148 12.11 6.84 -10.85
N SER A 149 12.04 7.75 -11.83
CA SER A 149 12.90 8.93 -11.80
C SER A 149 12.55 9.84 -10.64
N PHE A 150 11.26 10.09 -10.41
CA PHE A 150 10.85 10.97 -9.32
C PHE A 150 11.29 10.40 -7.98
N VAL A 151 11.14 9.08 -7.80
CA VAL A 151 11.54 8.47 -6.53
C VAL A 151 13.02 8.70 -6.28
N ASP A 152 13.84 8.58 -7.33
CA ASP A 152 15.27 8.85 -7.17
C ASP A 152 15.50 10.30 -6.74
N GLU A 153 14.76 11.24 -7.32
CA GLU A 153 14.89 12.63 -6.91
C GLU A 153 14.42 12.82 -5.47
N PHE A 154 13.30 12.18 -5.11
CA PHE A 154 12.73 12.36 -3.77
C PHE A 154 13.72 11.92 -2.70
N VAL A 155 14.35 10.75 -2.88
CA VAL A 155 15.24 10.23 -1.84
C VAL A 155 16.50 11.08 -1.74
N LYS A 156 16.92 11.69 -2.83
CA LYS A 156 18.18 12.43 -2.86
C LYS A 156 17.93 13.78 -2.24
N LYS A 157 16.83 14.39 -2.61
CA LYS A 157 16.52 15.73 -2.10
C LYS A 157 16.42 15.74 -0.58
N HIS A 158 15.90 14.65 0.01
CA HIS A 158 15.67 14.58 1.44
C HIS A 158 16.66 13.63 2.13
N GLN A 159 17.74 13.27 1.45
CA GLN A 159 18.83 12.50 2.04
C GLN A 159 18.30 11.28 2.80
N ILE A 160 17.51 10.48 2.11
CA ILE A 160 16.89 9.29 2.69
C ILE A 160 17.73 8.07 2.33
N GLN A 161 18.02 7.25 3.34
CA GLN A 161 18.61 5.93 3.14
C GLN A 161 17.49 4.91 3.10
N TYR A 162 17.48 4.06 2.07
CA TYR A 162 16.30 3.27 1.75
C TYR A 162 16.69 1.94 1.16
N GLU A 163 15.68 1.12 0.88
CA GLU A 163 15.84 -0.13 0.15
C GLU A 163 14.54 -0.41 -0.59
N LYS A 164 14.56 -0.44 -1.91
CA LYS A 164 13.37 -0.72 -2.71
C LYS A 164 12.94 -2.17 -2.53
N THR A 165 11.67 -2.46 -2.74
CA THR A 165 11.12 -3.81 -2.70
C THR A 165 9.75 -3.81 -3.35
N ILE A 166 9.46 -4.90 -4.08
CA ILE A 166 8.12 -5.12 -4.61
C ILE A 166 7.33 -6.14 -3.81
N LYS A 167 7.91 -6.65 -2.72
CA LYS A 167 7.14 -7.49 -1.80
C LYS A 167 6.06 -6.67 -1.12
N SER A 168 4.91 -7.30 -0.91
CA SER A 168 3.80 -6.62 -0.24
C SER A 168 3.99 -6.64 1.27
N TYR A 169 3.28 -5.74 1.94
CA TYR A 169 3.30 -5.73 3.41
C TYR A 169 2.91 -7.08 3.97
N LEU A 170 1.90 -7.72 3.38
CA LEU A 170 1.48 -9.04 3.85
C LEU A 170 2.60 -10.05 3.74
N GLU A 171 3.38 -9.98 2.65
CA GLU A 171 4.53 -10.87 2.52
C GLU A 171 5.58 -10.57 3.58
N LEU A 172 6.01 -9.32 3.65
CA LEU A 172 6.97 -8.92 4.67
C LEU A 172 6.54 -9.38 6.06
N LEU A 173 5.25 -9.27 6.36
CA LEU A 173 4.75 -9.67 7.67
C LEU A 173 4.92 -11.18 7.90
N VAL A 174 4.74 -11.98 6.84
CA VAL A 174 4.87 -13.42 6.99
C VAL A 174 6.32 -13.79 7.30
N GLU A 175 7.26 -13.33 6.48
CA GLU A 175 8.66 -13.64 6.69
C GLU A 175 9.11 -13.20 8.08
N HIS A 176 8.75 -11.98 8.48
CA HIS A 176 9.16 -11.39 9.78
C HIS A 176 8.74 -12.31 10.93
N ALA A 177 7.66 -13.08 10.76
CA ALA A 177 7.16 -13.99 11.80
C ALA A 177 8.22 -15.05 12.09
N LYS A 178 8.86 -15.58 11.04
CA LYS A 178 9.96 -16.57 11.22
C LYS A 178 11.30 -15.82 11.38
#